data_6G8P
#
_entry.id   6G8P
#
_cell.length_a   82.037
_cell.length_b   111.499
_cell.length_c   62.460
_cell.angle_alpha   90.000
_cell.angle_beta   90.000
_cell.angle_gamma   90.000
#
_symmetry.space_group_name_H-M   'C 2 2 21'
#
loop_
_entity.id
_entity.type
_entity.pdbx_description
1 polymer '14-3-3 protein sigma'
2 polymer 'Transcriptional coactivator YAP1'
3 non-polymer 'CALCIUM ION'
4 non-polymer 'CHLORIDE ION'
5 water water
#
loop_
_entity_poly.entity_id
_entity_poly.type
_entity_poly.pdbx_seq_one_letter_code
_entity_poly.pdbx_strand_id
1 'polypeptide(L)'
;GAMGSMERASLIQKAKLAEQAERYEDMAAFMKGAVEKGEELSCEERNLLSVAYKNVVGGQRAAWRVLSSIEQKSNEEGSE
EKGPEVREYREKVETELQGVCDTVLGLLDSHLIKEAGDAESRVFYLKMKGDYYRYLAEVATGDDKKRIIDSARSAYQEAM
DISKKEMPPTNPIRLGLALNFSVFHYEIANSPEEAISLAKTTFDEAMADLHTLSEDSYKDSTLIMQLLRDNLTLWT
;
A
2 'polypeptide(L)' (ACE)RAH(SEP)S(EOE)AS(B3L)Q P
#
# COMPACT_ATOMS: atom_id res chain seq x y z
N GLY A 1 2.03 -25.15 1.37
CA GLY A 1 2.48 -24.22 0.31
C GLY A 1 3.78 -24.68 -0.31
N ALA A 2 4.10 -24.16 -1.49
CA ALA A 2 5.29 -24.60 -2.21
C ALA A 2 6.58 -24.24 -1.47
N MET A 3 6.51 -23.28 -0.55
CA MET A 3 7.67 -22.87 0.23
C MET A 3 7.74 -23.55 1.59
N GLY A 4 6.84 -24.49 1.86
CA GLY A 4 6.77 -25.12 3.17
C GLY A 4 7.99 -25.94 3.53
N SER A 5 8.74 -26.42 2.55
CA SER A 5 9.91 -27.24 2.83
C SER A 5 11.20 -26.41 2.94
N MET A 6 11.15 -25.10 2.70
CA MET A 6 12.34 -24.26 2.77
C MET A 6 12.46 -23.57 4.12
N GLU A 7 13.69 -23.55 4.65
CA GLU A 7 13.98 -22.86 5.90
C GLU A 7 13.54 -21.41 5.84
N ARG A 8 13.03 -20.91 6.97
CA ARG A 8 12.68 -19.50 7.09
C ARG A 8 13.83 -18.61 6.68
N ALA A 9 15.03 -18.88 7.21
CA ALA A 9 16.17 -18.02 6.93
C ALA A 9 16.55 -18.07 5.45
N SER A 10 16.39 -19.23 4.82
CA SER A 10 16.69 -19.35 3.39
C SER A 10 15.68 -18.57 2.56
N LEU A 11 14.40 -18.56 2.97
CA LEU A 11 13.40 -17.77 2.27
C LEU A 11 13.72 -16.28 2.34
N ILE A 12 14.16 -15.82 3.51
CA ILE A 12 14.53 -14.40 3.67
CA ILE A 12 14.50 -14.40 3.64
C ILE A 12 15.75 -14.08 2.82
N GLN A 13 16.75 -14.95 2.86
N GLN A 13 16.76 -14.95 2.87
CA GLN A 13 17.93 -14.76 2.02
CA GLN A 13 17.94 -14.79 2.03
C GLN A 13 17.57 -14.68 0.55
C GLN A 13 17.55 -14.67 0.56
N LYS A 14 16.69 -15.57 0.09
CA LYS A 14 16.31 -15.58 -1.32
C LYS A 14 15.41 -14.39 -1.67
N ALA A 15 14.60 -13.90 -0.72
CA ALA A 15 13.85 -12.69 -0.98
C ALA A 15 14.80 -11.52 -1.26
N LYS A 16 15.92 -11.46 -0.55
CA LYS A 16 16.88 -10.38 -0.76
C LYS A 16 17.59 -10.53 -2.10
N LEU A 17 17.90 -11.77 -2.50
CA LEU A 17 18.47 -12.00 -3.83
C LEU A 17 17.47 -11.62 -4.91
N ALA A 18 16.21 -11.99 -4.74
CA ALA A 18 15.19 -11.69 -5.75
C ALA A 18 15.03 -10.18 -5.91
N GLU A 19 15.09 -9.43 -4.81
CA GLU A 19 15.06 -7.98 -4.92
C GLU A 19 16.22 -7.45 -5.75
N GLN A 20 17.43 -7.94 -5.50
CA GLN A 20 18.57 -7.48 -6.29
C GLN A 20 18.41 -7.82 -7.76
N ALA A 21 17.76 -8.95 -8.05
CA ALA A 21 17.51 -9.38 -9.41
C ALA A 21 16.23 -8.78 -10.00
N GLU A 22 15.54 -7.94 -9.24
CA GLU A 22 14.26 -7.35 -9.66
CA GLU A 22 14.27 -7.35 -9.68
C GLU A 22 13.26 -8.44 -10.06
N ARG A 23 13.27 -9.52 -9.30
CA ARG A 23 12.35 -10.63 -9.50
C ARG A 23 11.30 -10.55 -8.39
N TYR A 24 10.35 -9.63 -8.56
CA TYR A 24 9.48 -9.29 -7.43
C TYR A 24 8.39 -10.32 -7.18
N GLU A 25 7.92 -11.04 -8.22
CA GLU A 25 7.01 -12.15 -7.98
CA GLU A 25 7.01 -12.15 -7.98
C GLU A 25 7.68 -13.24 -7.15
N ASP A 26 8.93 -13.57 -7.48
CA ASP A 26 9.69 -14.50 -6.65
C ASP A 26 9.83 -13.95 -5.23
N MET A 27 10.21 -12.67 -5.12
CA MET A 27 10.39 -12.07 -3.82
C MET A 27 9.14 -12.21 -2.97
N ALA A 28 7.99 -11.94 -3.58
CA ALA A 28 6.71 -12.04 -2.86
C ALA A 28 6.45 -13.47 -2.41
N ALA A 29 6.66 -14.44 -3.29
CA ALA A 29 6.43 -15.84 -2.94
C ALA A 29 7.35 -16.27 -1.79
N PHE A 30 8.61 -15.85 -1.83
CA PHE A 30 9.53 -16.17 -0.74
C PHE A 30 9.04 -15.58 0.58
N MET A 31 8.65 -14.30 0.56
CA MET A 31 8.20 -13.65 1.79
C MET A 31 6.86 -14.21 2.26
N LYS A 32 5.95 -14.54 1.35
CA LYS A 32 4.74 -15.26 1.76
C LYS A 32 5.12 -16.53 2.51
N GLY A 33 6.07 -17.29 1.96
CA GLY A 33 6.52 -18.50 2.63
C GLY A 33 7.09 -18.23 4.00
N ALA A 34 7.85 -17.13 4.14
CA ALA A 34 8.41 -16.76 5.43
C ALA A 34 7.30 -16.41 6.42
N VAL A 35 6.33 -15.63 6.01
CA VAL A 35 5.21 -15.31 6.90
C VAL A 35 4.52 -16.58 7.38
N GLU A 36 4.30 -17.54 6.47
CA GLU A 36 3.55 -18.75 6.81
C GLU A 36 4.32 -19.68 7.74
N LYS A 37 5.59 -19.40 8.02
CA LYS A 37 6.29 -20.12 9.09
C LYS A 37 5.68 -19.84 10.45
N GLY A 38 4.91 -18.75 10.58
CA GLY A 38 4.16 -18.49 11.79
C GLY A 38 4.85 -17.62 12.81
N GLU A 39 6.11 -17.29 12.62
N GLU A 39 6.10 -17.27 12.61
CA GLU A 39 6.80 -16.39 13.53
CA GLU A 39 6.81 -16.39 13.53
C GLU A 39 6.56 -14.95 13.10
C GLU A 39 6.64 -14.94 13.09
N GLU A 40 6.65 -14.04 14.07
CA GLU A 40 6.52 -12.63 13.77
C GLU A 40 7.69 -12.19 12.88
N LEU A 41 7.51 -11.07 12.19
CA LEU A 41 8.53 -10.54 11.29
C LEU A 41 9.28 -9.40 11.96
N SER A 42 10.57 -9.34 11.72
CA SER A 42 11.36 -8.21 12.14
C SER A 42 11.06 -7.00 11.26
N CYS A 43 11.63 -5.86 11.66
CA CYS A 43 11.44 -4.64 10.88
C CYS A 43 11.95 -4.82 9.45
N GLU A 44 13.13 -5.40 9.30
CA GLU A 44 13.66 -5.60 7.95
C GLU A 44 12.77 -6.55 7.16
N GLU A 45 12.27 -7.60 7.81
CA GLU A 45 11.45 -8.59 7.12
C GLU A 45 10.10 -8.00 6.71
N ARG A 46 9.51 -7.16 7.56
CA ARG A 46 8.29 -6.48 7.19
C ARG A 46 8.49 -5.64 5.95
N ASN A 47 9.63 -4.97 5.86
CA ASN A 47 9.85 -4.11 4.71
C ASN A 47 10.11 -4.92 3.45
N LEU A 48 10.72 -6.10 3.57
CA LEU A 48 10.86 -7.00 2.43
C LEU A 48 9.51 -7.47 1.92
N LEU A 49 8.62 -7.86 2.84
CA LEU A 49 7.27 -8.24 2.47
C LEU A 49 6.57 -7.11 1.73
N SER A 50 6.64 -5.90 2.29
CA SER A 50 5.97 -4.75 1.70
C SER A 50 6.52 -4.43 0.32
N VAL A 51 7.85 -4.33 0.20
CA VAL A 51 8.47 -4.01 -1.09
C VAL A 51 8.07 -5.03 -2.15
N ALA A 52 8.05 -6.31 -1.79
CA ALA A 52 7.78 -7.34 -2.77
C ALA A 52 6.38 -7.18 -3.37
N TYR A 53 5.36 -7.13 -2.52
CA TYR A 53 4.00 -7.06 -3.02
C TYR A 53 3.69 -5.68 -3.61
N LYS A 54 4.30 -4.63 -3.08
CA LYS A 54 4.12 -3.30 -3.68
C LYS A 54 4.54 -3.30 -5.14
N ASN A 55 5.66 -3.96 -5.45
CA ASN A 55 6.14 -4.00 -6.82
C ASN A 55 5.27 -4.90 -7.69
N VAL A 56 4.84 -6.05 -7.15
CA VAL A 56 3.95 -6.93 -7.91
C VAL A 56 2.65 -6.21 -8.26
N VAL A 57 1.96 -5.68 -7.24
CA VAL A 57 0.69 -5.01 -7.50
CA VAL A 57 0.70 -5.02 -7.51
C VAL A 57 0.89 -3.73 -8.29
N GLY A 58 2.04 -3.06 -8.11
CA GLY A 58 2.30 -1.86 -8.88
C GLY A 58 2.30 -2.11 -10.37
N GLY A 59 2.91 -3.22 -10.79
CA GLY A 59 2.88 -3.58 -12.20
C GLY A 59 1.49 -3.94 -12.67
N GLN A 60 0.72 -4.64 -11.83
CA GLN A 60 -0.66 -4.97 -12.18
C GLN A 60 -1.52 -3.73 -12.28
N ARG A 61 -1.36 -2.79 -11.33
CA ARG A 61 -2.15 -1.56 -11.37
C ARG A 61 -1.84 -0.74 -12.62
N ALA A 62 -0.56 -0.64 -12.98
CA ALA A 62 -0.19 0.11 -14.17
C ALA A 62 -0.81 -0.50 -15.41
N ALA A 63 -0.79 -1.84 -15.52
CA ALA A 63 -1.39 -2.51 -16.67
C ALA A 63 -2.90 -2.32 -16.68
N TRP A 64 -3.53 -2.48 -15.52
CA TRP A 64 -4.98 -2.28 -15.45
C TRP A 64 -5.37 -0.88 -15.91
N ARG A 65 -4.58 0.13 -15.54
CA ARG A 65 -4.92 1.50 -15.94
C ARG A 65 -4.77 1.67 -17.44
N VAL A 66 -3.75 1.08 -18.05
CA VAL A 66 -3.61 1.12 -19.50
C VAL A 66 -4.85 0.51 -20.16
N LEU A 67 -5.23 -0.69 -19.71
CA LEU A 67 -6.33 -1.42 -20.33
C LEU A 67 -7.68 -0.73 -20.09
N SER A 68 -7.88 -0.21 -18.88
CA SER A 68 -9.13 0.48 -18.56
CA SER A 68 -9.12 0.48 -18.56
C SER A 68 -9.30 1.72 -19.43
N SER A 69 -8.20 2.45 -19.68
CA SER A 69 -8.27 3.61 -20.54
CA SER A 69 -8.29 3.61 -20.55
C SER A 69 -8.68 3.21 -21.96
N ILE A 70 -8.06 2.15 -22.48
CA ILE A 70 -8.41 1.65 -23.81
C ILE A 70 -9.88 1.25 -23.84
N GLU A 71 -10.33 0.56 -22.80
CA GLU A 71 -11.73 0.14 -22.71
C GLU A 71 -12.65 1.35 -22.73
N GLN A 72 -12.34 2.37 -21.95
CA GLN A 72 -13.21 3.53 -21.84
C GLN A 72 -13.31 4.27 -23.18
N LYS A 73 -12.20 4.36 -23.91
N LYS A 73 -12.18 4.38 -23.90
CA LYS A 73 -12.27 5.00 -25.22
CA LYS A 73 -12.21 4.98 -25.22
C LYS A 73 -13.07 4.16 -26.21
C LYS A 73 -13.10 4.17 -26.17
N SER A 74 -13.00 2.84 -26.10
CA SER A 74 -13.79 1.99 -26.97
C SER A 74 -15.29 2.16 -26.73
N ASN A 75 -15.68 2.74 -25.61
CA ASN A 75 -17.08 2.96 -25.27
C ASN A 75 -17.52 4.41 -25.46
N GLU A 76 -16.76 5.19 -26.22
CA GLU A 76 -17.15 6.55 -26.55
C GLU A 76 -18.01 6.58 -27.81
N GLU A 77 -18.52 7.76 -28.13
CA GLU A 77 -19.32 7.95 -29.34
C GLU A 77 -18.43 7.91 -30.57
N GLY A 78 -18.83 7.12 -31.56
CA GLY A 78 -18.08 7.01 -32.80
C GLY A 78 -17.03 5.93 -32.82
N SER A 79 -16.80 5.27 -31.68
CA SER A 79 -15.78 4.23 -31.60
C SER A 79 -16.24 2.97 -32.31
N GLU A 80 -15.34 2.38 -33.09
CA GLU A 80 -15.65 1.12 -33.75
C GLU A 80 -15.67 -0.01 -32.71
N GLU A 81 -16.68 -0.87 -32.82
CA GLU A 81 -16.76 -2.02 -31.93
C GLU A 81 -15.69 -3.04 -32.31
N LYS A 82 -14.87 -3.43 -31.33
CA LYS A 82 -13.81 -4.40 -31.56
C LYS A 82 -14.03 -5.70 -30.79
N GLY A 83 -15.25 -5.91 -30.28
CA GLY A 83 -15.58 -7.15 -29.63
C GLY A 83 -15.27 -7.15 -28.15
N PRO A 84 -15.35 -8.33 -27.52
CA PRO A 84 -15.18 -8.42 -26.07
C PRO A 84 -13.74 -8.43 -25.58
N GLU A 85 -12.74 -8.39 -26.48
CA GLU A 85 -11.38 -8.71 -26.09
C GLU A 85 -10.82 -7.73 -25.08
N VAL A 86 -11.04 -6.43 -25.29
CA VAL A 86 -10.51 -5.44 -24.35
C VAL A 86 -11.06 -5.67 -22.95
N ARG A 87 -12.39 -5.82 -22.85
CA ARG A 87 -12.99 -6.07 -21.55
C ARG A 87 -12.45 -7.37 -20.95
N GLU A 88 -12.39 -8.43 -21.75
CA GLU A 88 -11.92 -9.72 -21.25
C GLU A 88 -10.53 -9.60 -20.64
N TYR A 89 -9.61 -8.95 -21.37
CA TYR A 89 -8.23 -8.90 -20.89
C TYR A 89 -8.11 -7.95 -19.69
N ARG A 90 -8.85 -6.85 -19.70
CA ARG A 90 -8.90 -6.01 -18.52
C ARG A 90 -9.38 -6.80 -17.31
N GLU A 91 -10.43 -7.60 -17.49
N GLU A 91 -10.41 -7.62 -17.49
CA GLU A 91 -10.95 -8.44 -16.41
CA GLU A 91 -10.88 -8.46 -16.38
C GLU A 91 -9.93 -9.50 -15.98
C GLU A 91 -9.81 -9.45 -15.93
N LYS A 92 -9.13 -10.00 -16.91
N LYS A 92 -9.11 -10.08 -16.88
CA LYS A 92 -8.09 -10.97 -16.55
CA LYS A 92 -8.06 -11.02 -16.52
C LYS A 92 -7.05 -10.34 -15.64
C LYS A 92 -7.03 -10.35 -15.62
N VAL A 93 -6.54 -9.17 -16.03
CA VAL A 93 -5.58 -8.46 -15.21
C VAL A 93 -6.22 -8.08 -13.88
N GLU A 94 -7.45 -7.58 -13.92
CA GLU A 94 -8.14 -7.17 -12.71
C GLU A 94 -8.28 -8.32 -11.73
N THR A 95 -8.63 -9.51 -12.22
CA THR A 95 -8.79 -10.67 -11.36
C THR A 95 -7.46 -11.09 -10.75
N GLU A 96 -6.37 -11.00 -11.51
CA GLU A 96 -5.06 -11.33 -10.96
CA GLU A 96 -5.05 -11.32 -10.98
C GLU A 96 -4.65 -10.32 -9.89
N LEU A 97 -4.92 -9.04 -10.14
CA LEU A 97 -4.66 -8.00 -9.15
CA LEU A 97 -4.64 -8.01 -9.15
C LEU A 97 -5.44 -8.25 -7.87
N GLN A 98 -6.73 -8.56 -8.00
CA GLN A 98 -7.55 -8.83 -6.83
C GLN A 98 -7.02 -10.05 -6.08
N GLY A 99 -6.52 -11.05 -6.81
CA GLY A 99 -5.97 -12.22 -6.16
C GLY A 99 -4.74 -11.89 -5.32
N VAL A 100 -3.88 -11.00 -5.83
CA VAL A 100 -2.71 -10.58 -5.06
C VAL A 100 -3.16 -9.82 -3.81
N CYS A 101 -4.09 -8.88 -3.98
CA CYS A 101 -4.61 -8.15 -2.82
C CYS A 101 -5.21 -9.09 -1.78
N ASP A 102 -6.00 -10.07 -2.24
CA ASP A 102 -6.58 -11.05 -1.32
C ASP A 102 -5.49 -11.85 -0.60
N THR A 103 -4.40 -12.15 -1.30
CA THR A 103 -3.31 -12.91 -0.68
C THR A 103 -2.67 -12.11 0.45
N VAL A 104 -2.37 -10.83 0.18
CA VAL A 104 -1.77 -9.97 1.19
C VAL A 104 -2.70 -9.81 2.38
N LEU A 105 -3.97 -9.50 2.12
CA LEU A 105 -4.93 -9.33 3.21
C LEU A 105 -5.10 -10.62 4.00
N GLY A 106 -4.98 -11.77 3.34
CA GLY A 106 -5.05 -13.04 4.04
C GLY A 106 -3.86 -13.26 4.96
N LEU A 107 -2.66 -12.85 4.54
CA LEU A 107 -1.50 -12.94 5.41
C LEU A 107 -1.66 -12.03 6.62
N LEU A 108 -2.13 -10.80 6.38
CA LEU A 108 -2.32 -9.85 7.47
C LEU A 108 -3.34 -10.39 8.47
N ASP A 109 -4.38 -11.03 7.99
CA ASP A 109 -5.42 -11.55 8.87
C ASP A 109 -5.07 -12.89 9.48
N SER A 110 -4.09 -13.62 8.92
CA SER A 110 -3.72 -14.96 9.36
C SER A 110 -2.19 -15.07 9.36
N HIS A 111 -1.50 -14.50 10.35
CA HIS A 111 -2.07 -13.92 11.57
C HIS A 111 -1.18 -12.74 11.99
N LEU A 112 -0.68 -12.00 11.01
CA LEU A 112 0.30 -10.95 11.29
C LEU A 112 -0.28 -9.89 12.23
N ILE A 113 -1.47 -9.38 11.92
CA ILE A 113 -1.98 -8.25 12.71
C ILE A 113 -2.26 -8.67 14.14
N LYS A 114 -2.90 -9.83 14.35
CA LYS A 114 -3.30 -10.16 15.71
C LYS A 114 -2.11 -10.42 16.62
N GLU A 115 -0.96 -10.84 16.07
CA GLU A 115 0.22 -11.05 16.89
CA GLU A 115 0.24 -11.05 16.87
C GLU A 115 1.10 -9.81 16.99
N ALA A 116 0.76 -8.73 16.29
CA ALA A 116 1.55 -7.50 16.29
C ALA A 116 1.13 -6.62 17.47
N GLY A 117 1.99 -6.55 18.47
CA GLY A 117 1.71 -5.77 19.66
C GLY A 117 2.44 -4.44 19.72
N ASP A 118 3.65 -4.37 19.16
CA ASP A 118 4.38 -3.11 19.16
C ASP A 118 3.75 -2.16 18.14
N ALA A 119 3.83 -0.86 18.45
CA ALA A 119 3.22 0.15 17.59
C ALA A 119 3.81 0.12 16.19
N GLU A 120 5.13 -0.04 16.09
N GLU A 120 5.14 0.00 16.06
CA GLU A 120 5.80 -0.01 14.80
CA GLU A 120 5.72 0.03 14.73
C GLU A 120 5.31 -1.14 13.89
C GLU A 120 5.23 -1.13 13.87
N SER A 121 5.08 -2.33 14.46
CA SER A 121 4.60 -3.45 13.66
C SER A 121 3.10 -3.35 13.41
N ARG A 122 2.33 -3.00 14.43
CA ARG A 122 0.88 -2.97 14.25
C ARG A 122 0.48 -1.90 13.24
N VAL A 123 1.06 -0.70 13.36
CA VAL A 123 0.79 0.38 12.41
C VAL A 123 1.23 -0.03 11.02
N PHE A 124 2.40 -0.68 10.90
N PHE A 124 2.39 -0.68 10.91
CA PHE A 124 2.87 -1.10 9.60
CA PHE A 124 2.90 -1.12 9.61
C PHE A 124 1.87 -2.03 8.92
C PHE A 124 1.89 -2.04 8.92
N TYR A 125 1.35 -3.02 9.65
CA TYR A 125 0.44 -3.97 9.05
C TYR A 125 -0.92 -3.35 8.75
N LEU A 126 -1.41 -2.48 9.64
CA LEU A 126 -2.69 -1.84 9.39
C LEU A 126 -2.62 -0.90 8.20
N LYS A 127 -1.49 -0.20 8.04
CA LYS A 127 -1.27 0.58 6.82
C LYS A 127 -1.35 -0.31 5.59
N MET A 128 -0.65 -1.45 5.62
CA MET A 128 -0.71 -2.39 4.49
CA MET A 128 -0.70 -2.38 4.50
C MET A 128 -2.14 -2.81 4.22
N LYS A 129 -2.90 -3.10 5.27
CA LYS A 129 -4.28 -3.50 5.08
C LYS A 129 -5.08 -2.40 4.38
N GLY A 130 -4.89 -1.15 4.81
CA GLY A 130 -5.53 -0.04 4.13
C GLY A 130 -5.09 0.08 2.68
N ASP A 131 -3.79 -0.10 2.43
CA ASP A 131 -3.27 0.01 1.07
C ASP A 131 -3.91 -1.03 0.14
N TYR A 132 -3.98 -2.28 0.58
CA TYR A 132 -4.47 -3.31 -0.34
C TYR A 132 -5.98 -3.28 -0.47
N TYR A 133 -6.72 -2.80 0.53
CA TYR A 133 -8.13 -2.50 0.27
C TYR A 133 -8.27 -1.29 -0.66
N ARG A 134 -7.37 -0.31 -0.57
CA ARG A 134 -7.41 0.80 -1.51
C ARG A 134 -7.20 0.33 -2.95
N TYR A 135 -6.26 -0.60 -3.16
CA TYR A 135 -6.05 -1.11 -4.53
C TYR A 135 -7.27 -1.87 -5.01
N LEU A 136 -7.89 -2.68 -4.14
CA LEU A 136 -9.17 -3.28 -4.48
C LEU A 136 -10.19 -2.22 -4.85
N ALA A 137 -10.21 -1.11 -4.09
CA ALA A 137 -11.20 -0.07 -4.34
C ALA A 137 -10.99 0.61 -5.69
N GLU A 138 -9.74 0.73 -6.14
CA GLU A 138 -9.45 1.35 -7.42
C GLU A 138 -10.16 0.66 -8.57
N VAL A 139 -10.41 -0.64 -8.46
CA VAL A 139 -11.02 -1.41 -9.54
C VAL A 139 -12.43 -1.86 -9.22
N ALA A 140 -12.96 -1.52 -8.05
CA ALA A 140 -14.26 -2.01 -7.64
C ALA A 140 -15.37 -1.22 -8.30
N THR A 141 -16.47 -1.90 -8.62
CA THR A 141 -17.63 -1.27 -9.25
C THR A 141 -18.97 -1.81 -8.77
N GLY A 142 -19.01 -2.86 -7.96
CA GLY A 142 -20.23 -3.58 -7.69
C GLY A 142 -20.81 -3.31 -6.32
N ASP A 143 -21.61 -4.28 -5.84
CA ASP A 143 -22.39 -4.10 -4.62
C ASP A 143 -21.53 -3.83 -3.39
N ASP A 144 -20.27 -4.28 -3.39
N ASP A 144 -20.27 -4.28 -3.40
CA ASP A 144 -19.43 -4.15 -2.21
CA ASP A 144 -19.41 -4.17 -2.22
C ASP A 144 -18.31 -3.13 -2.38
C ASP A 144 -18.34 -3.10 -2.36
N LYS A 145 -18.42 -2.24 -3.37
CA LYS A 145 -17.46 -1.14 -3.47
C LYS A 145 -17.47 -0.28 -2.21
N LYS A 146 -18.65 0.01 -1.66
CA LYS A 146 -18.70 0.86 -0.48
C LYS A 146 -18.08 0.16 0.72
N ARG A 147 -18.28 -1.15 0.84
CA ARG A 147 -17.68 -1.88 1.96
C ARG A 147 -16.18 -2.00 1.79
N ILE A 148 -15.70 -2.16 0.56
CA ILE A 148 -14.26 -2.16 0.32
C ILE A 148 -13.66 -0.81 0.72
N ILE A 149 -14.29 0.27 0.30
CA ILE A 149 -13.81 1.61 0.67
C ILE A 149 -13.80 1.77 2.19
N ASP A 150 -14.87 1.32 2.85
CA ASP A 150 -14.95 1.44 4.31
CA ASP A 150 -14.90 1.50 4.30
C ASP A 150 -13.89 0.59 5.00
N SER A 151 -13.54 -0.56 4.42
CA SER A 151 -12.52 -1.40 5.01
C SER A 151 -11.15 -0.73 4.93
N ALA A 152 -10.85 -0.08 3.81
CA ALA A 152 -9.62 0.70 3.72
C ALA A 152 -9.61 1.82 4.76
N ARG A 153 -10.70 2.59 4.81
CA ARG A 153 -10.78 3.71 5.75
CA ARG A 153 -10.79 3.70 5.75
C ARG A 153 -10.59 3.22 7.19
N SER A 154 -11.28 2.14 7.56
N SER A 154 -11.28 2.14 7.56
CA SER A 154 -11.20 1.64 8.93
CA SER A 154 -11.19 1.66 8.93
C SER A 154 -9.78 1.23 9.28
C SER A 154 -9.77 1.23 9.29
N ALA A 155 -9.09 0.54 8.37
CA ALA A 155 -7.72 0.10 8.64
C ALA A 155 -6.79 1.29 8.78
N TYR A 156 -6.88 2.24 7.84
CA TYR A 156 -6.06 3.45 7.92
C TYR A 156 -6.33 4.22 9.22
N GLN A 157 -7.60 4.30 9.62
CA GLN A 157 -7.96 5.08 10.80
C GLN A 157 -7.41 4.46 12.07
N GLU A 158 -7.49 3.12 12.21
CA GLU A 158 -6.90 2.49 13.37
CA GLU A 158 -6.89 2.44 13.35
C GLU A 158 -5.39 2.70 13.40
N ALA A 159 -4.73 2.60 12.25
CA ALA A 159 -3.30 2.85 12.18
C ALA A 159 -2.98 4.29 12.55
N MET A 160 -3.80 5.24 12.08
CA MET A 160 -3.59 6.64 12.44
C MET A 160 -3.71 6.85 13.95
N ASP A 161 -4.74 6.26 14.56
CA ASP A 161 -4.95 6.47 15.98
C ASP A 161 -3.76 5.96 16.80
N ILE A 162 -3.27 4.77 16.46
CA ILE A 162 -2.10 4.22 17.15
C ILE A 162 -0.88 5.10 16.89
N SER A 163 -0.65 5.45 15.63
CA SER A 163 0.59 6.15 15.30
C SER A 163 0.64 7.52 16.00
N LYS A 164 -0.50 8.20 16.10
CA LYS A 164 -0.54 9.48 16.78
C LYS A 164 -0.27 9.34 18.28
N LYS A 165 -0.68 8.23 18.89
CA LYS A 165 -0.46 8.03 20.31
CA LYS A 165 -0.45 8.06 20.32
C LYS A 165 0.94 7.52 20.61
N GLU A 166 1.50 6.69 19.73
CA GLU A 166 2.69 5.92 20.05
C GLU A 166 3.96 6.30 19.28
N MET A 167 3.87 7.15 18.27
CA MET A 167 4.99 7.43 17.38
CA MET A 167 5.05 7.43 17.47
C MET A 167 5.21 8.93 17.26
N PRO A 168 6.44 9.39 17.09
CA PRO A 168 6.68 10.81 16.84
C PRO A 168 6.22 11.20 15.46
N PRO A 169 5.92 12.47 15.22
CA PRO A 169 5.36 12.88 13.93
C PRO A 169 6.32 12.75 12.76
N THR A 170 7.61 12.52 13.00
CA THR A 170 8.59 12.29 11.94
C THR A 170 8.82 10.82 11.65
N ASN A 171 8.21 9.92 12.39
CA ASN A 171 8.43 8.51 12.17
C ASN A 171 8.07 8.14 10.72
N PRO A 172 8.99 7.54 9.95
CA PRO A 172 8.68 7.27 8.53
C PRO A 172 7.46 6.39 8.31
N ILE A 173 7.16 5.45 9.20
CA ILE A 173 5.93 4.67 9.05
C ILE A 173 4.71 5.56 9.21
N ARG A 174 4.70 6.37 10.27
CA ARG A 174 3.61 7.32 10.48
C ARG A 174 3.45 8.24 9.28
N LEU A 175 4.56 8.74 8.73
CA LEU A 175 4.48 9.64 7.60
C LEU A 175 3.95 8.96 6.34
N GLY A 176 4.43 7.75 6.05
CA GLY A 176 3.95 7.04 4.88
C GLY A 176 2.49 6.64 5.01
N LEU A 177 2.06 6.32 6.23
CA LEU A 177 0.66 6.05 6.49
C LEU A 177 -0.19 7.28 6.18
N ALA A 178 0.22 8.44 6.70
CA ALA A 178 -0.55 9.66 6.48
C ALA A 178 -0.57 10.02 5.00
N LEU A 179 0.57 9.90 4.34
CA LEU A 179 0.65 10.10 2.90
C LEU A 179 -0.40 9.25 2.17
N ASN A 180 -0.43 7.96 2.47
CA ASN A 180 -1.33 7.05 1.76
C ASN A 180 -2.79 7.27 2.14
N PHE A 181 -3.06 7.58 3.41
CA PHE A 181 -4.43 7.89 3.80
C PHE A 181 -4.91 9.14 3.08
N SER A 182 -4.02 10.12 2.91
CA SER A 182 -4.39 11.33 2.17
CA SER A 182 -4.37 11.33 2.17
C SER A 182 -4.69 11.01 0.71
N VAL A 183 -3.91 10.11 0.11
CA VAL A 183 -4.19 9.66 -1.26
C VAL A 183 -5.54 8.95 -1.32
N PHE A 184 -5.81 8.10 -0.33
CA PHE A 184 -7.13 7.47 -0.23
C PHE A 184 -8.25 8.52 -0.25
N HIS A 185 -8.12 9.55 0.58
CA HIS A 185 -9.14 10.59 0.63
C HIS A 185 -9.32 11.24 -0.73
N TYR A 186 -8.21 11.52 -1.41
CA TYR A 186 -8.29 12.27 -2.66
C TYR A 186 -8.84 11.41 -3.80
N GLU A 187 -8.30 10.20 -3.95
CA GLU A 187 -8.55 9.37 -5.12
C GLU A 187 -9.69 8.36 -4.94
N ILE A 188 -9.98 7.95 -3.71
CA ILE A 188 -10.96 6.89 -3.45
C ILE A 188 -12.23 7.45 -2.84
N ALA A 189 -12.09 8.31 -1.82
CA ALA A 189 -13.22 8.75 -1.02
C ALA A 189 -13.82 10.06 -1.50
N ASN A 190 -13.33 10.63 -2.61
CA ASN A 190 -13.88 11.86 -3.14
C ASN A 190 -13.90 12.95 -2.08
N SER A 191 -12.80 13.04 -1.31
CA SER A 191 -12.67 14.00 -0.22
C SER A 191 -11.35 14.76 -0.37
N PRO A 192 -11.22 15.55 -1.44
CA PRO A 192 -9.94 16.26 -1.65
C PRO A 192 -9.60 17.22 -0.53
N GLU A 193 -10.59 17.86 0.09
CA GLU A 193 -10.28 18.78 1.18
C GLU A 193 -9.69 18.03 2.38
N GLU A 194 -10.22 16.85 2.69
CA GLU A 194 -9.63 16.02 3.74
C GLU A 194 -8.22 15.58 3.36
N ALA A 195 -8.01 15.21 2.10
CA ALA A 195 -6.69 14.83 1.63
C ALA A 195 -5.69 15.97 1.85
N ILE A 196 -6.09 17.19 1.49
CA ILE A 196 -5.19 18.34 1.57
C ILE A 196 -4.91 18.68 3.04
N SER A 197 -5.94 18.72 3.87
CA SER A 197 -5.76 19.04 5.27
CA SER A 197 -5.76 19.04 5.27
C SER A 197 -4.84 18.03 5.95
N LEU A 198 -5.04 16.74 5.67
CA LEU A 198 -4.20 15.73 6.31
C LEU A 198 -2.75 15.86 5.85
N ALA A 199 -2.52 16.12 4.57
CA ALA A 199 -1.15 16.24 4.07
C ALA A 199 -0.46 17.46 4.67
N LYS A 200 -1.17 18.58 4.80
N LYS A 200 -1.17 18.59 4.73
CA LYS A 200 -0.54 19.79 5.32
CA LYS A 200 -0.60 19.80 5.32
C LYS A 200 -0.24 19.65 6.81
C LYS A 200 -0.23 19.58 6.78
N THR A 201 -1.19 19.14 7.59
CA THR A 201 -0.97 18.98 9.02
CA THR A 201 -0.94 19.00 9.02
C THR A 201 0.15 17.97 9.29
N THR A 202 0.17 16.88 8.53
CA THR A 202 1.25 15.90 8.68
C THR A 202 2.60 16.52 8.40
N PHE A 203 2.70 17.24 7.28
CA PHE A 203 3.96 17.90 6.91
C PHE A 203 4.39 18.88 8.00
N ASP A 204 3.48 19.74 8.44
CA ASP A 204 3.83 20.79 9.39
C ASP A 204 4.26 20.21 10.74
N GLU A 205 3.57 19.19 11.22
CA GLU A 205 3.96 18.59 12.50
C GLU A 205 5.30 17.87 12.40
N ALA A 206 5.59 17.25 11.25
CA ALA A 206 6.90 16.66 11.08
C ALA A 206 8.00 17.73 11.02
N MET A 207 7.74 18.80 10.26
CA MET A 207 8.70 19.91 10.20
CA MET A 207 8.69 19.91 10.19
C MET A 207 9.13 20.34 11.59
N ALA A 208 8.18 20.48 12.51
CA ALA A 208 8.46 20.99 13.84
C ALA A 208 9.20 19.99 14.72
N ASP A 209 9.31 18.74 14.30
CA ASP A 209 9.98 17.69 15.07
C ASP A 209 11.33 17.28 14.46
N LEU A 210 11.69 17.85 13.31
CA LEU A 210 12.94 17.46 12.66
C LEU A 210 14.16 17.76 13.53
N HIS A 211 14.10 18.82 14.34
CA HIS A 211 15.25 19.22 15.13
C HIS A 211 15.69 18.16 16.13
N THR A 212 14.84 17.16 16.40
CA THR A 212 15.17 16.10 17.34
C THR A 212 15.97 14.97 16.70
N LEU A 213 16.10 14.95 15.38
CA LEU A 213 16.60 13.80 14.63
C LEU A 213 18.09 13.90 14.34
N SER A 214 18.71 12.73 14.21
CA SER A 214 20.03 12.58 13.61
C SER A 214 19.98 12.90 12.12
N GLU A 215 21.16 13.08 11.53
CA GLU A 215 21.23 13.33 10.09
C GLU A 215 20.57 12.19 9.30
N ASP A 216 20.81 10.94 9.70
CA ASP A 216 20.24 9.81 8.96
C ASP A 216 18.72 9.78 9.10
N SER A 217 18.20 9.97 10.30
CA SER A 217 16.75 9.99 10.50
C SER A 217 16.12 11.19 9.78
N TYR A 218 16.81 12.33 9.81
N TYR A 218 16.81 12.33 9.81
CA TYR A 218 16.37 13.51 9.09
CA TYR A 218 16.35 13.51 9.09
C TYR A 218 16.19 13.21 7.60
C TYR A 218 16.19 13.20 7.60
N LYS A 219 17.14 12.48 7.01
CA LYS A 219 17.03 12.12 5.60
C LYS A 219 15.83 11.21 5.35
N ASP A 220 15.59 10.23 6.23
CA ASP A 220 14.46 9.33 6.05
C ASP A 220 13.14 10.09 6.11
N SER A 221 13.01 11.03 7.06
CA SER A 221 11.74 11.72 7.25
C SER A 221 11.49 12.72 6.14
N THR A 222 12.50 13.51 5.76
CA THR A 222 12.30 14.52 4.73
C THR A 222 11.98 13.89 3.38
N LEU A 223 12.47 12.67 3.13
N LEU A 223 12.48 12.68 3.13
CA LEU A 223 12.14 11.99 1.88
CA LEU A 223 12.13 12.00 1.88
C LEU A 223 10.63 11.83 1.73
C LEU A 223 10.63 11.85 1.74
N ILE A 224 9.96 11.40 2.79
CA ILE A 224 8.51 11.23 2.74
CA ILE A 224 8.51 11.23 2.72
C ILE A 224 7.80 12.58 2.81
N MET A 225 8.36 13.53 3.56
CA MET A 225 7.76 14.85 3.62
C MET A 225 7.71 15.49 2.23
N GLN A 226 8.72 15.22 1.40
CA GLN A 226 8.72 15.77 0.05
C GLN A 226 7.60 15.20 -0.79
N LEU A 227 7.23 13.93 -0.55
CA LEU A 227 6.09 13.36 -1.28
C LEU A 227 4.79 14.03 -0.86
N LEU A 228 4.64 14.33 0.44
CA LEU A 228 3.49 15.11 0.88
C LEU A 228 3.46 16.46 0.18
N ARG A 229 4.62 17.13 0.11
CA ARG A 229 4.69 18.42 -0.56
C ARG A 229 4.37 18.29 -2.04
N ASP A 230 4.88 17.24 -2.70
CA ASP A 230 4.59 17.05 -4.12
C ASP A 230 3.09 16.92 -4.34
N ASN A 231 2.41 16.16 -3.48
CA ASN A 231 0.97 15.96 -3.64
C ASN A 231 0.22 17.27 -3.41
N LEU A 232 0.60 18.04 -2.39
CA LEU A 232 -0.05 19.33 -2.17
C LEU A 232 0.14 20.26 -3.35
N THR A 233 1.32 20.22 -3.98
CA THR A 233 1.54 21.03 -5.18
C THR A 233 0.65 20.55 -6.32
N LEU A 234 0.45 19.24 -6.45
N LEU A 234 0.45 19.24 -6.43
CA LEU A 234 -0.47 18.72 -7.45
CA LEU A 234 -0.46 18.71 -7.44
C LEU A 234 -1.90 19.15 -7.16
C LEU A 234 -1.90 19.11 -7.16
N TRP A 235 -2.30 19.11 -5.88
CA TRP A 235 -3.69 19.27 -5.50
C TRP A 235 -4.12 20.71 -5.27
N THR A 236 -3.18 21.65 -5.18
CA THR A 236 -3.52 23.04 -4.90
C THR A 236 -2.90 23.98 -5.92
N ALA B 3 -1.17 11.06 -7.85
CA ALA B 3 -0.55 11.35 -6.55
C ALA B 3 0.51 10.31 -6.20
N HIS B 4 1.50 10.75 -5.43
CA HIS B 4 2.53 9.86 -4.93
C HIS B 4 2.05 9.15 -3.68
N SER B 6 3.38 6.03 -0.69
CA SER B 6 4.64 5.77 -0.02
C SER B 6 5.46 4.78 -0.84
#